data_4CNQ
#
_entry.id   4CNQ
#
_cell.length_a   42.870
_cell.length_b   68.950
_cell.length_c   156.800
_cell.angle_alpha   90.00
_cell.angle_beta   90.00
_cell.angle_gamma   90.00
#
_symmetry.space_group_name_H-M   'P 21 21 21'
#
loop_
_entity.id
_entity.type
_entity.pdbx_description
1 polymer 'L-HALOACID DEHALOGENASE'
2 non-polymer DI(HYDROXYETHYL)ETHER
3 water water
#
_entity_poly.entity_id   1
_entity_poly.type   'polypeptide(L)'
_entity_poly.pdbx_seq_one_letter_code
;MTPSHPARPSRSGILVF(ASB)VNETLLDLTSLSPLFERVFGDAKVLREWFPELILYSQTLTLTGLYRPFGEIAAAVFEM
VAANHQAKVTPDDIAELKTRLTSMPAYPDVAPALTRLQDAGFRLVTLTNSAPSPAPSPLEKAGIASFFEAHLTVHSSQRF
KPHPSVYDSTAETLGAKPEELCMIACNIWDTIGAQARGWRGGFVARPHNTPLTLAEVPQPDFIGRDMGELADQLIASLTA
;
_entity_poly.pdbx_strand_id   A,B
#
loop_
_chem_comp.id
_chem_comp.type
_chem_comp.name
_chem_comp.formula
PEG non-polymer DI(HYDROXYETHYL)ETHER 'C4 H10 O3'
#
# COMPACT_ATOMS: atom_id res chain seq x y z
N ARG A 11 8.16 30.15 15.08
CA ARG A 11 8.49 31.58 14.75
C ARG A 11 7.87 31.98 13.40
N SER A 12 7.86 31.04 12.45
CA SER A 12 7.24 31.23 11.14
C SER A 12 6.36 30.03 10.78
N GLY A 13 6.16 29.14 11.76
CA GLY A 13 5.50 27.85 11.55
C GLY A 13 6.45 26.68 11.83
N ILE A 14 5.89 25.48 11.97
CA ILE A 14 6.70 24.29 12.19
C ILE A 14 6.62 23.42 10.94
N LEU A 15 7.77 23.03 10.41
CA LEU A 15 7.86 22.13 9.27
C LEU A 15 8.19 20.73 9.81
N VAL A 16 7.38 19.74 9.44
CA VAL A 16 7.54 18.37 9.94
C VAL A 16 7.92 17.53 8.74
N PHE A 17 9.11 16.95 8.77
CA PHE A 17 9.66 16.23 7.63
C PHE A 17 9.55 14.73 7.81
N ASB A 18 9.03 14.06 6.78
CA ASB A 18 9.20 12.62 6.62
C ASB A 18 10.69 12.39 6.43
O ASB A 18 11.39 13.25 5.88
CB ASB A 18 8.42 12.36 5.33
CG ASB A 18 8.51 10.91 4.89
OD1 ASB A 18 8.30 9.85 5.85
OD2 ASB A 18 8.74 10.63 3.73
C2 ASB A 18 8.66 8.53 5.48
C1 ASB A 18 9.10 7.95 6.78
O1 ASB A 18 8.31 7.17 7.33
O2 ASB A 18 10.20 8.31 7.28
N VAL A 19 11.22 11.28 6.94
CA VAL A 19 12.68 11.04 6.90
C VAL A 19 13.10 10.12 5.75
N ASN A 20 12.62 8.88 5.75
CA ASN A 20 12.90 7.94 4.65
C ASN A 20 12.38 8.45 3.33
N GLU A 21 13.24 8.39 2.30
CA GLU A 21 12.90 8.82 0.94
C GLU A 21 12.96 10.33 0.76
N THR A 22 12.39 11.07 1.71
CA THR A 22 12.27 12.52 1.63
C THR A 22 13.61 13.20 1.95
N LEU A 23 14.17 12.85 3.10
CA LEU A 23 15.47 13.42 3.50
C LEU A 23 16.63 12.51 3.12
N LEU A 24 16.41 11.21 3.29
CA LEU A 24 17.43 10.19 3.10
C LEU A 24 17.07 9.33 1.90
N ASP A 25 18.09 8.99 1.13
CA ASP A 25 17.96 8.43 -0.21
C ASP A 25 17.77 6.91 -0.21
N LEU A 26 16.55 6.47 -0.54
CA LEU A 26 16.22 5.06 -0.56
C LEU A 26 17.01 4.26 -1.63
N THR A 27 17.47 4.92 -2.67
CA THR A 27 18.21 4.22 -3.72
C THR A 27 19.57 3.67 -3.25
N SER A 28 20.09 4.12 -2.12
CA SER A 28 21.25 3.50 -1.50
C SER A 28 21.08 2.00 -1.22
N LEU A 29 19.84 1.51 -1.27
CA LEU A 29 19.53 0.09 -1.04
C LEU A 29 19.66 -0.70 -2.32
N SER A 30 19.75 -0.03 -3.47
CA SER A 30 19.79 -0.71 -4.78
CA SER A 30 19.78 -0.73 -4.77
C SER A 30 20.78 -1.90 -4.88
N PRO A 31 22.03 -1.73 -4.34
CA PRO A 31 22.99 -2.84 -4.50
C PRO A 31 22.54 -4.14 -3.85
N LEU A 32 21.84 -4.04 -2.73
CA LEU A 32 21.33 -5.23 -2.08
C LEU A 32 20.28 -5.90 -2.97
N PHE A 33 19.43 -5.10 -3.61
CA PHE A 33 18.44 -5.63 -4.54
C PHE A 33 19.08 -6.20 -5.80
N GLU A 34 20.09 -5.50 -6.31
CA GLU A 34 20.84 -6.01 -7.47
CA GLU A 34 20.87 -5.99 -7.46
C GLU A 34 21.42 -7.40 -7.17
N ARG A 35 22.02 -7.56 -6.00
CA ARG A 35 22.64 -8.82 -5.61
C ARG A 35 21.63 -9.96 -5.40
N VAL A 36 20.59 -9.71 -4.60
CA VAL A 36 19.65 -10.77 -4.22
C VAL A 36 18.72 -11.15 -5.38
N PHE A 37 18.27 -10.15 -6.13
CA PHE A 37 17.28 -10.38 -7.18
C PHE A 37 17.87 -10.35 -8.59
N GLY A 38 19.13 -9.94 -8.69
CA GLY A 38 19.76 -9.73 -10.01
C GLY A 38 19.17 -8.52 -10.70
N ASP A 39 18.44 -7.69 -9.95
CA ASP A 39 17.74 -6.54 -10.52
C ASP A 39 17.41 -5.51 -9.43
N ALA A 40 18.09 -4.37 -9.50
CA ALA A 40 17.94 -3.29 -8.51
C ALA A 40 16.54 -2.69 -8.52
N LYS A 41 15.83 -2.82 -9.64
CA LYS A 41 14.48 -2.25 -9.77
C LYS A 41 13.41 -2.91 -8.86
N VAL A 42 13.73 -4.08 -8.30
CA VAL A 42 12.84 -4.77 -7.35
C VAL A 42 12.64 -3.93 -6.08
N LEU A 43 13.54 -2.98 -5.83
CA LEU A 43 13.33 -1.95 -4.81
C LEU A 43 11.97 -1.24 -4.94
N ARG A 44 11.57 -0.98 -6.19
CA ARG A 44 10.34 -0.22 -6.49
CA ARG A 44 10.36 -0.22 -6.46
C ARG A 44 9.09 -1.08 -6.37
N GLU A 45 9.29 -2.39 -6.18
CA GLU A 45 8.22 -3.32 -5.88
C GLU A 45 8.15 -3.52 -4.36
N TRP A 46 9.31 -3.75 -3.74
CA TRP A 46 9.35 -4.02 -2.31
C TRP A 46 8.87 -2.84 -1.44
N PHE A 47 9.20 -1.62 -1.83
CA PHE A 47 8.92 -0.48 -0.96
C PHE A 47 7.42 -0.22 -0.82
N PRO A 48 6.68 -0.14 -1.96
CA PRO A 48 5.23 0.02 -1.80
C PRO A 48 4.56 -1.17 -1.10
N GLU A 49 5.09 -2.38 -1.29
CA GLU A 49 4.61 -3.53 -0.49
C GLU A 49 4.80 -3.32 1.00
N LEU A 50 5.97 -2.82 1.39
CA LEU A 50 6.23 -2.49 2.79
C LEU A 50 5.20 -1.46 3.31
N ILE A 51 5.00 -0.40 2.56
CA ILE A 51 4.06 0.66 2.99
C ILE A 51 2.65 0.09 3.06
N LEU A 52 2.23 -0.63 2.03
CA LEU A 52 0.93 -1.32 2.00
C LEU A 52 0.69 -2.11 3.31
N TYR A 53 1.66 -2.95 3.65
CA TYR A 53 1.54 -3.79 4.84
C TYR A 53 1.53 -2.99 6.13
N SER A 54 2.29 -1.90 6.17
CA SER A 54 2.26 -1.05 7.37
C SER A 54 0.86 -0.49 7.58
N GLN A 55 0.22 -0.06 6.48
CA GLN A 55 -1.13 0.47 6.56
C GLN A 55 -2.18 -0.62 6.81
N THR A 56 -1.95 -1.82 6.29
CA THR A 56 -2.83 -2.97 6.55
C THR A 56 -2.83 -3.36 8.03
N LEU A 57 -1.63 -3.45 8.63
CA LEU A 57 -1.57 -3.70 10.07
C LEU A 57 -2.34 -2.62 10.87
N THR A 58 -2.16 -1.36 10.48
CA THR A 58 -2.79 -0.26 11.17
C THR A 58 -4.31 -0.38 11.11
N LEU A 59 -4.83 -0.69 9.92
CA LEU A 59 -6.28 -0.84 9.71
C LEU A 59 -6.87 -2.02 10.47
N THR A 60 -6.05 -3.03 10.76
CA THR A 60 -6.54 -4.21 11.47
C THR A 60 -6.17 -4.26 12.96
N GLY A 61 -5.56 -3.20 13.47
CA GLY A 61 -5.23 -3.11 14.91
C GLY A 61 -4.01 -3.91 15.33
N LEU A 62 -3.09 -4.11 14.40
CA LEU A 62 -1.87 -4.87 14.69
C LEU A 62 -0.69 -3.93 14.56
N TYR A 63 0.41 -4.27 15.19
CA TYR A 63 1.61 -3.45 15.07
C TYR A 63 2.87 -4.27 15.27
N ARG A 64 3.84 -4.06 14.39
CA ARG A 64 5.20 -4.53 14.60
C ARG A 64 6.06 -3.37 14.12
N PRO A 65 7.31 -3.26 14.64
CA PRO A 65 8.18 -2.18 14.20
C PRO A 65 8.40 -2.23 12.68
N PHE A 66 8.55 -1.06 12.08
CA PHE A 66 8.70 -0.92 10.65
C PHE A 66 9.80 -1.81 10.04
N GLY A 67 10.97 -1.87 10.68
CA GLY A 67 12.09 -2.69 10.19
C GLY A 67 11.78 -4.17 10.17
N GLU A 68 10.97 -4.64 11.11
CA GLU A 68 10.51 -6.04 11.11
C GLU A 68 9.58 -6.29 9.93
N ILE A 69 8.65 -5.36 9.65
CA ILE A 69 7.75 -5.51 8.49
C ILE A 69 8.61 -5.51 7.23
N ALA A 70 9.62 -4.63 7.23
CA ALA A 70 10.52 -4.50 6.07
C ALA A 70 11.19 -5.85 5.75
N ALA A 71 11.61 -6.55 6.80
CA ALA A 71 12.34 -7.82 6.63
C ALA A 71 11.36 -8.89 6.11
N ALA A 72 10.16 -8.91 6.68
CA ALA A 72 9.12 -9.86 6.26
C ALA A 72 8.70 -9.67 4.80
N VAL A 73 8.55 -8.40 4.38
CA VAL A 73 8.18 -8.09 3.01
C VAL A 73 9.33 -8.43 2.05
N PHE A 74 10.56 -8.16 2.49
CA PHE A 74 11.75 -8.59 1.70
C PHE A 74 11.73 -10.11 1.43
N GLU A 75 11.47 -10.88 2.49
CA GLU A 75 11.35 -12.34 2.40
CA GLU A 75 11.38 -12.33 2.37
C GLU A 75 10.24 -12.77 1.44
N MET A 76 9.08 -12.12 1.55
CA MET A 76 7.91 -12.40 0.69
C MET A 76 8.19 -12.08 -0.79
N VAL A 77 8.72 -10.88 -1.03
CA VAL A 77 9.07 -10.46 -2.38
C VAL A 77 10.14 -11.39 -2.97
N ALA A 78 11.11 -11.77 -2.13
CA ALA A 78 12.15 -12.72 -2.56
C ALA A 78 11.53 -14.06 -2.96
N ALA A 79 10.62 -14.56 -2.12
CA ALA A 79 9.90 -15.80 -2.41
C ALA A 79 9.06 -15.68 -3.69
N ASN A 80 8.44 -14.52 -3.90
CA ASN A 80 7.69 -14.23 -5.12
C ASN A 80 8.56 -14.26 -6.37
N HIS A 81 9.85 -14.04 -6.21
CA HIS A 81 10.82 -14.08 -7.31
C HIS A 81 11.65 -15.37 -7.32
N GLN A 82 11.31 -16.30 -6.43
CA GLN A 82 12.13 -17.51 -6.20
C GLN A 82 13.62 -17.22 -5.94
N ALA A 83 13.90 -16.08 -5.30
CA ALA A 83 15.25 -15.66 -4.98
C ALA A 83 15.62 -16.11 -3.57
N LYS A 84 16.80 -16.71 -3.41
CA LYS A 84 17.26 -17.17 -2.09
CA LYS A 84 17.27 -17.17 -2.11
C LYS A 84 17.62 -15.98 -1.20
N VAL A 85 17.22 -16.09 0.08
CA VAL A 85 17.53 -15.07 1.07
C VAL A 85 18.28 -15.74 2.21
N THR A 86 19.31 -15.07 2.71
CA THR A 86 20.11 -15.61 3.81
C THR A 86 19.99 -14.65 5.01
N PRO A 87 20.36 -15.13 6.22
CA PRO A 87 20.43 -14.24 7.36
C PRO A 87 21.35 -13.02 7.12
N ASP A 88 22.41 -13.20 6.33
CA ASP A 88 23.27 -12.10 5.95
C ASP A 88 22.49 -11.00 5.19
N ASP A 89 21.65 -11.43 4.25
CA ASP A 89 20.86 -10.49 3.46
C ASP A 89 19.94 -9.65 4.35
N ILE A 90 19.36 -10.31 5.36
CA ILE A 90 18.40 -9.67 6.26
C ILE A 90 19.12 -8.66 7.16
N ALA A 91 20.32 -9.01 7.62
CA ALA A 91 21.13 -8.11 8.42
C ALA A 91 21.57 -6.93 7.56
N GLU A 92 21.87 -7.18 6.29
CA GLU A 92 22.32 -6.10 5.41
C GLU A 92 21.16 -5.13 5.13
N LEU A 93 19.95 -5.68 4.99
CA LEU A 93 18.75 -4.85 4.83
C LEU A 93 18.56 -3.89 6.01
N LYS A 94 18.59 -4.42 7.24
CA LYS A 94 18.56 -3.59 8.45
C LYS A 94 19.65 -2.52 8.47
N THR A 95 20.88 -2.90 8.14
CA THR A 95 22.00 -1.97 8.15
C THR A 95 21.79 -0.84 7.13
N ARG A 96 21.37 -1.20 5.92
CA ARG A 96 21.23 -0.19 4.88
C ARG A 96 20.03 0.71 5.16
N LEU A 97 18.92 0.10 5.60
CA LEU A 97 17.68 0.83 5.87
CA LEU A 97 17.69 0.83 5.88
C LEU A 97 17.88 1.86 6.99
N THR A 98 18.80 1.58 7.92
CA THR A 98 19.13 2.50 9.01
C THR A 98 20.35 3.41 8.79
N SER A 99 20.89 3.43 7.55
CA SER A 99 22.09 4.20 7.24
CA SER A 99 22.07 4.23 7.25
C SER A 99 22.01 4.89 5.87
N MET A 100 20.81 5.22 5.40
CA MET A 100 20.69 5.89 4.10
CA MET A 100 20.66 5.93 4.11
C MET A 100 21.29 7.31 4.16
N PRO A 101 22.02 7.73 3.09
CA PRO A 101 22.65 9.05 3.11
C PRO A 101 21.65 10.17 2.79
N ALA A 102 21.91 11.40 3.22
CA ALA A 102 21.01 12.53 2.89
C ALA A 102 21.19 12.93 1.44
N TYR A 103 20.10 13.32 0.78
CA TYR A 103 20.21 13.97 -0.53
C TYR A 103 21.03 15.25 -0.40
N PRO A 104 21.85 15.58 -1.43
CA PRO A 104 22.67 16.79 -1.44
C PRO A 104 21.88 18.10 -1.32
N ASP A 105 20.61 18.09 -1.70
CA ASP A 105 19.79 19.31 -1.64
C ASP A 105 19.20 19.59 -0.25
N VAL A 106 19.33 18.63 0.69
CA VAL A 106 18.71 18.75 2.01
C VAL A 106 19.37 19.80 2.90
N ALA A 107 20.65 19.64 3.23
CA ALA A 107 21.29 20.57 4.17
C ALA A 107 21.21 22.05 3.72
N PRO A 108 21.44 22.36 2.43
CA PRO A 108 21.26 23.76 1.99
C PRO A 108 19.83 24.27 2.22
N ALA A 109 18.83 23.46 1.89
CA ALA A 109 17.44 23.86 2.12
C ALA A 109 17.09 24.05 3.61
N LEU A 110 17.53 23.14 4.47
CA LEU A 110 17.25 23.25 5.90
C LEU A 110 17.93 24.49 6.50
N THR A 111 19.11 24.82 5.99
CA THR A 111 19.83 26.01 6.40
C THR A 111 19.00 27.26 6.08
N ARG A 112 18.48 27.33 4.86
CA ARG A 112 17.69 28.47 4.36
C ARG A 112 16.39 28.60 5.16
N LEU A 113 15.73 27.47 5.36
CA LEU A 113 14.47 27.42 6.15
C LEU A 113 14.66 27.85 7.59
N GLN A 114 15.69 27.31 8.23
CA GLN A 114 16.02 27.72 9.59
C GLN A 114 16.37 29.22 9.68
N ASP A 115 17.18 29.69 8.73
CA ASP A 115 17.55 31.12 8.72
C ASP A 115 16.35 32.01 8.43
N ALA A 116 15.37 31.49 7.68
CA ALA A 116 14.11 32.22 7.44
C ALA A 116 13.15 32.19 8.64
N GLY A 117 13.49 31.43 9.68
CA GLY A 117 12.69 31.43 10.92
C GLY A 117 11.80 30.23 11.19
N PHE A 118 11.83 29.23 10.30
CA PHE A 118 10.99 28.06 10.46
C PHE A 118 11.57 27.14 11.55
N ARG A 119 10.68 26.51 12.32
CA ARG A 119 11.09 25.45 13.25
C ARG A 119 11.05 24.12 12.50
N LEU A 120 11.98 23.21 12.81
CA LEU A 120 12.13 22.00 12.00
C LEU A 120 12.06 20.76 12.88
N VAL A 121 11.29 19.77 12.44
CA VAL A 121 10.96 18.56 13.21
CA VAL A 121 11.11 18.53 13.19
C VAL A 121 10.93 17.39 12.21
N THR A 122 11.20 16.17 12.68
CA THR A 122 11.02 15.01 11.81
C THR A 122 9.95 14.10 12.40
N LEU A 123 9.30 13.32 11.52
CA LEU A 123 8.27 12.35 11.87
C LEU A 123 8.40 11.19 10.91
N THR A 124 8.73 10.02 11.46
CA THR A 124 9.03 8.84 10.66
C THR A 124 8.23 7.59 11.12
N ASN A 125 7.94 6.70 10.16
CA ASN A 125 7.40 5.37 10.42
C ASN A 125 8.42 4.48 11.15
N SER A 126 9.71 4.79 11.00
CA SER A 126 10.77 3.94 11.53
C SER A 126 10.79 4.01 13.05
N ALA A 127 11.01 2.86 13.69
CA ALA A 127 11.12 2.77 15.13
C ALA A 127 12.36 3.53 15.65
N PRO A 128 12.31 4.07 16.88
CA PRO A 128 13.47 4.77 17.48
C PRO A 128 14.62 3.79 17.61
N SER A 129 15.85 4.26 17.43
CA SER A 129 17.04 3.44 17.65
C SER A 129 17.90 4.05 18.75
N PRO A 130 18.89 3.31 19.28
CA PRO A 130 19.86 4.05 20.08
C PRO A 130 20.57 5.05 19.17
N ALA A 131 21.23 6.04 19.78
CA ALA A 131 22.08 6.95 19.02
C ALA A 131 23.25 6.14 18.45
N PRO A 132 23.71 6.49 17.24
CA PRO A 132 23.19 7.56 16.36
C PRO A 132 21.99 7.12 15.53
N SER A 133 20.99 8.01 15.42
CA SER A 133 19.87 7.77 14.51
C SER A 133 20.38 7.83 13.07
N PRO A 134 19.55 7.38 12.11
CA PRO A 134 19.96 7.59 10.72
C PRO A 134 20.24 9.06 10.39
N LEU A 135 19.42 9.97 10.91
CA LEU A 135 19.65 11.41 10.70
C LEU A 135 20.96 11.91 11.30
N GLU A 136 21.28 11.41 12.49
CA GLU A 136 22.58 11.68 13.12
C GLU A 136 23.73 11.15 12.26
N LYS A 137 23.64 9.88 11.83
CA LYS A 137 24.64 9.30 10.92
C LYS A 137 24.82 10.11 9.65
N ALA A 138 23.73 10.60 9.09
CA ALA A 138 23.79 11.33 7.82
C ALA A 138 24.28 12.76 7.98
N GLY A 139 24.53 13.17 9.23
CA GLY A 139 25.04 14.50 9.57
C GLY A 139 24.06 15.68 9.58
N ILE A 140 22.76 15.41 9.54
CA ILE A 140 21.75 16.49 9.44
C ILE A 140 20.79 16.56 10.62
N ALA A 141 21.00 15.74 11.65
CA ALA A 141 20.06 15.72 12.79
C ALA A 141 20.00 17.07 13.53
N SER A 142 21.11 17.81 13.51
CA SER A 142 21.24 19.05 14.31
C SER A 142 20.35 20.21 13.84
N PHE A 143 19.74 20.08 12.65
CA PHE A 143 18.83 21.12 12.15
C PHE A 143 17.49 21.07 12.88
N PHE A 144 17.19 19.94 13.52
CA PHE A 144 15.86 19.65 14.01
C PHE A 144 15.76 19.79 15.52
N GLU A 145 14.64 20.34 15.98
CA GLU A 145 14.41 20.56 17.40
C GLU A 145 13.73 19.35 18.09
N ALA A 146 13.17 18.43 17.30
CA ALA A 146 12.45 17.25 17.83
C ALA A 146 12.47 16.18 16.76
N HIS A 147 12.51 14.92 17.19
CA HIS A 147 12.53 13.78 16.28
C HIS A 147 11.51 12.77 16.74
N LEU A 148 10.40 12.68 16.02
CA LEU A 148 9.26 11.91 16.50
C LEU A 148 9.08 10.68 15.63
N THR A 149 8.49 9.62 16.20
CA THR A 149 8.18 8.40 15.46
C THR A 149 6.78 7.89 15.77
N VAL A 150 6.29 6.98 14.94
CA VAL A 150 4.97 6.38 15.13
C VAL A 150 4.97 5.34 16.24
N HIS A 151 6.15 5.00 16.73
CA HIS A 151 6.28 3.91 17.71
CA HIS A 151 6.25 3.90 17.69
C HIS A 151 5.32 4.02 18.91
N SER A 152 5.22 5.21 19.51
CA SER A 152 4.33 5.41 20.66
C SER A 152 2.84 5.29 20.31
N SER A 153 2.48 5.66 19.09
CA SER A 153 1.10 5.52 18.60
C SER A 153 0.79 4.06 18.28
N GLN A 154 1.81 3.25 18.04
CA GLN A 154 1.62 1.89 17.50
C GLN A 154 0.67 1.85 16.30
N ARG A 155 0.70 2.91 15.50
CA ARG A 155 -0.07 3.01 14.26
C ARG A 155 0.83 3.67 13.26
N PHE A 156 0.71 3.30 11.99
CA PHE A 156 1.58 3.92 10.97
C PHE A 156 0.89 5.07 10.25
N LYS A 157 1.67 5.94 9.60
CA LYS A 157 1.09 6.93 8.70
C LYS A 157 0.25 6.22 7.65
N PRO A 158 -0.86 6.84 7.18
CA PRO A 158 -1.36 8.16 7.55
C PRO A 158 -2.46 8.14 8.61
N HIS A 159 -2.40 7.22 9.57
CA HIS A 159 -3.46 7.20 10.59
C HIS A 159 -3.52 8.54 11.35
N PRO A 160 -4.73 9.07 11.58
CA PRO A 160 -4.86 10.38 12.24
C PRO A 160 -4.16 10.48 13.60
N SER A 161 -4.09 9.37 14.34
CA SER A 161 -3.40 9.33 15.64
C SER A 161 -1.96 9.81 15.57
N VAL A 162 -1.28 9.47 14.49
CA VAL A 162 0.12 9.84 14.30
C VAL A 162 0.31 11.36 14.24
N TYR A 163 -0.44 12.01 13.35
CA TYR A 163 -0.40 13.48 13.21
C TYR A 163 -0.90 14.19 14.45
N ASP A 164 -2.05 13.73 14.97
CA ASP A 164 -2.66 14.33 16.17
C ASP A 164 -1.72 14.25 17.37
N SER A 165 -1.10 13.08 17.60
CA SER A 165 -0.19 12.94 18.73
CA SER A 165 -0.18 12.91 18.73
C SER A 165 1.05 13.81 18.57
N THR A 166 1.54 13.91 17.34
CA THR A 166 2.65 14.80 16.99
C THR A 166 2.33 16.27 17.32
N ALA A 167 1.14 16.73 16.90
CA ALA A 167 0.73 18.12 17.21
C ALA A 167 0.64 18.32 18.71
N GLU A 168 0.08 17.33 19.39
CA GLU A 168 -0.03 17.33 20.85
C GLU A 168 1.34 17.44 21.55
N THR A 169 2.28 16.57 21.20
CA THR A 169 3.65 16.60 21.74
C THR A 169 4.36 17.94 21.50
N LEU A 170 4.19 18.51 20.31
CA LEU A 170 4.80 19.80 20.00
C LEU A 170 4.08 20.97 20.66
N GLY A 171 2.88 20.74 21.18
CA GLY A 171 2.04 21.81 21.66
C GLY A 171 1.63 22.78 20.55
N ALA A 172 1.32 22.25 19.37
CA ALA A 172 1.04 23.09 18.22
C ALA A 172 -0.35 22.81 17.68
N LYS A 173 -0.97 23.85 17.10
CA LYS A 173 -2.25 23.71 16.43
CA LYS A 173 -2.26 23.75 16.41
C LYS A 173 -2.00 23.33 14.97
N PRO A 174 -2.93 22.59 14.35
CA PRO A 174 -2.79 22.21 12.95
C PRO A 174 -2.42 23.36 12.01
N GLU A 175 -2.95 24.55 12.25
CA GLU A 175 -2.66 25.70 11.38
CA GLU A 175 -2.66 25.71 11.40
C GLU A 175 -1.17 26.12 11.42
N GLU A 176 -0.46 25.69 12.45
CA GLU A 176 0.95 26.02 12.63
C GLU A 176 1.88 24.99 11.99
N LEU A 177 1.31 23.88 11.52
CA LEU A 177 2.11 22.74 11.06
C LEU A 177 2.03 22.54 9.56
N CYS A 178 3.16 22.15 8.96
CA CYS A 178 3.22 21.72 7.56
C CYS A 178 3.97 20.39 7.45
N MET A 179 3.34 19.37 6.85
CA MET A 179 3.98 18.07 6.61
C MET A 179 4.69 18.09 5.27
N ILE A 180 5.95 17.68 5.26
CA ILE A 180 6.77 17.72 4.04
C ILE A 180 7.22 16.29 3.69
N ALA A 181 6.84 15.82 2.51
CA ALA A 181 7.15 14.45 2.10
C ALA A 181 7.23 14.35 0.59
N CYS A 182 7.88 13.30 0.09
CA CYS A 182 7.85 12.97 -1.36
C CYS A 182 6.75 11.94 -1.71
N ASN A 183 5.80 11.77 -0.79
CA ASN A 183 4.68 10.86 -1.02
C ASN A 183 3.39 11.57 -0.66
N ILE A 184 2.47 11.61 -1.61
CA ILE A 184 1.17 12.23 -1.37
C ILE A 184 0.41 11.55 -0.22
N TRP A 185 0.64 10.26 0.01
CA TRP A 185 -0.07 9.61 1.12
C TRP A 185 0.26 10.22 2.48
N ASP A 186 1.49 10.69 2.65
CA ASP A 186 1.90 11.32 3.91
C ASP A 186 1.31 12.73 4.02
N THR A 187 1.35 13.47 2.92
CA THR A 187 0.83 14.83 2.94
C THR A 187 -0.69 14.81 3.11
N ILE A 188 -1.37 13.87 2.45
CA ILE A 188 -2.82 13.69 2.56
CA ILE A 188 -2.82 13.76 2.58
C ILE A 188 -3.19 13.44 4.03
N GLY A 189 -2.46 12.53 4.66
CA GLY A 189 -2.64 12.21 6.07
C GLY A 189 -2.62 13.45 6.95
N ALA A 190 -1.64 14.33 6.74
CA ALA A 190 -1.50 15.52 7.58
C ALA A 190 -2.58 16.56 7.25
N GLN A 191 -2.83 16.75 5.95
CA GLN A 191 -3.86 17.70 5.52
C GLN A 191 -5.28 17.34 6.00
N ALA A 192 -5.56 16.05 6.13
CA ALA A 192 -6.84 15.58 6.66
C ALA A 192 -7.03 16.03 8.12
N ARG A 193 -5.93 16.26 8.82
CA ARG A 193 -5.97 16.76 10.20
C ARG A 193 -5.83 18.30 10.35
N GLY A 194 -5.96 19.02 9.24
CA GLY A 194 -5.92 20.48 9.25
C GLY A 194 -4.54 21.09 9.09
N TRP A 195 -3.51 20.26 8.89
CA TRP A 195 -2.16 20.79 8.65
C TRP A 195 -2.02 21.23 7.20
N ARG A 196 -0.99 21.99 6.91
CA ARG A 196 -0.62 22.22 5.53
CA ARG A 196 -0.60 22.23 5.54
C ARG A 196 0.26 21.06 5.05
N GLY A 197 0.40 20.93 3.75
CA GLY A 197 1.21 19.90 3.12
C GLY A 197 2.16 20.49 2.11
N GLY A 198 3.39 20.01 2.14
CA GLY A 198 4.37 20.38 1.13
C GLY A 198 4.97 19.14 0.48
N PHE A 199 4.86 19.06 -0.83
CA PHE A 199 5.37 17.91 -1.57
C PHE A 199 6.72 18.25 -2.19
N VAL A 200 7.71 17.41 -1.98
CA VAL A 200 9.00 17.57 -2.68
C VAL A 200 9.25 16.34 -3.55
N ALA A 201 9.39 16.58 -4.85
N ALA A 201 9.54 16.53 -4.84
CA ALA A 201 9.68 15.52 -5.78
CA ALA A 201 9.56 15.42 -5.83
C ALA A 201 11.06 14.96 -5.49
C ALA A 201 10.90 14.72 -6.14
N ARG A 202 11.15 13.65 -5.61
N ARG A 202 11.33 13.78 -5.29
CA ARG A 202 12.42 12.95 -5.64
CA ARG A 202 12.57 13.03 -5.55
C ARG A 202 12.42 12.18 -6.95
C ARG A 202 12.46 12.22 -6.85
N PRO A 203 13.60 11.70 -7.39
CA PRO A 203 13.58 10.85 -8.59
C PRO A 203 12.67 9.65 -8.34
N HIS A 204 11.74 9.40 -9.27
CA HIS A 204 10.80 8.29 -9.14
C HIS A 204 9.75 8.50 -8.05
N ASN A 205 9.63 9.74 -7.56
CA ASN A 205 8.54 10.12 -6.65
C ASN A 205 7.87 11.38 -7.13
N THR A 206 6.77 11.23 -7.86
CA THR A 206 6.00 12.38 -8.32
C THR A 206 4.65 12.40 -7.59
N PRO A 207 3.90 13.51 -7.70
CA PRO A 207 2.67 13.52 -6.89
C PRO A 207 1.49 12.82 -7.54
N LEU A 208 0.78 12.00 -6.77
CA LEU A 208 -0.53 11.49 -7.17
C LEU A 208 -1.49 12.66 -7.21
N THR A 209 -2.34 12.70 -8.23
CA THR A 209 -3.41 13.69 -8.30
C THR A 209 -4.71 12.95 -8.56
N LEU A 210 -5.70 13.21 -7.71
CA LEU A 210 -6.96 12.52 -7.77
C LEU A 210 -8.06 13.51 -7.45
N ALA A 211 -9.12 13.52 -8.26
CA ALA A 211 -10.24 14.43 -8.04
C ALA A 211 -10.81 14.26 -6.64
N GLU A 212 -11.12 15.38 -5.99
CA GLU A 212 -11.64 15.44 -4.62
C GLU A 212 -10.54 15.58 -3.56
N VAL A 213 -9.50 14.76 -3.68
CA VAL A 213 -8.36 14.74 -2.76
C VAL A 213 -7.61 16.09 -2.76
N PRO A 214 -7.49 16.75 -1.59
CA PRO A 214 -6.83 18.07 -1.54
CA PRO A 214 -6.83 18.07 -1.54
C PRO A 214 -5.38 18.01 -2.02
N GLN A 215 -4.99 19.01 -2.80
CA GLN A 215 -3.64 19.12 -3.34
CA GLN A 215 -3.63 19.11 -3.34
C GLN A 215 -2.69 19.69 -2.27
N PRO A 216 -1.38 19.34 -2.34
CA PRO A 216 -0.44 19.98 -1.41
C PRO A 216 -0.51 21.50 -1.53
N ASP A 217 -0.26 22.19 -0.41
CA ASP A 217 -0.16 23.64 -0.39
C ASP A 217 1.07 24.15 -1.11
N PHE A 218 2.18 23.41 -0.99
CA PHE A 218 3.41 23.79 -1.67
C PHE A 218 3.92 22.56 -2.39
N ILE A 219 4.50 22.78 -3.56
CA ILE A 219 5.02 21.69 -4.36
CA ILE A 219 5.00 21.69 -4.39
C ILE A 219 6.32 22.11 -5.03
N GLY A 220 7.38 21.34 -4.78
CA GLY A 220 8.68 21.60 -5.37
C GLY A 220 9.22 20.42 -6.13
N ARG A 221 9.97 20.69 -7.20
CA ARG A 221 10.63 19.65 -7.97
C ARG A 221 11.84 19.11 -7.19
N ASP A 222 12.32 19.88 -6.21
CA ASP A 222 13.40 19.47 -5.29
C ASP A 222 13.26 20.29 -4.00
N MET A 223 14.14 20.02 -3.02
CA MET A 223 14.02 20.67 -1.72
CA MET A 223 14.09 20.67 -1.71
C MET A 223 14.27 22.18 -1.79
N GLY A 224 15.14 22.61 -2.71
CA GLY A 224 15.42 24.02 -2.92
C GLY A 224 14.21 24.78 -3.43
N GLU A 225 13.51 24.21 -4.41
CA GLU A 225 12.31 24.85 -4.95
C GLU A 225 11.18 24.85 -3.90
N LEU A 226 11.05 23.78 -3.13
CA LEU A 226 10.04 23.74 -2.06
C LEU A 226 10.34 24.84 -1.03
N ALA A 227 11.61 24.94 -0.63
CA ALA A 227 12.02 26.01 0.26
C ALA A 227 11.73 27.41 -0.34
N ASP A 228 11.93 27.59 -1.65
CA ASP A 228 11.56 28.87 -2.32
C ASP A 228 10.11 29.23 -2.03
N GLN A 229 9.21 28.26 -2.24
CA GLN A 229 7.78 28.46 -2.00
C GLN A 229 7.41 28.68 -0.53
N LEU A 230 8.03 27.91 0.38
CA LEU A 230 7.75 28.08 1.81
C LEU A 230 8.20 29.45 2.30
N ILE A 231 9.36 29.89 1.82
CA ILE A 231 9.90 31.19 2.21
C ILE A 231 9.06 32.32 1.60
N ALA A 232 8.65 32.14 0.34
CA ALA A 232 7.85 33.13 -0.39
C ALA A 232 6.51 33.37 0.33
N SER A 233 5.95 32.29 0.88
CA SER A 233 4.65 32.35 1.59
C SER A 233 4.67 33.21 2.84
N LEU A 234 5.85 33.45 3.40
CA LEU A 234 5.96 34.25 4.64
C LEU A 234 5.58 35.70 4.44
N THR A 235 5.79 36.21 3.23
CA THR A 235 5.56 37.63 2.97
C THR A 235 4.62 37.93 1.79
N ALA A 236 4.11 36.91 1.11
CA ALA A 236 3.17 37.13 -0.01
C ALA A 236 1.84 37.73 0.44
N ARG B 11 -25.00 -24.52 3.96
CA ARG B 11 -24.79 -25.78 4.72
C ARG B 11 -23.43 -25.78 5.42
N SER B 12 -22.38 -26.03 4.66
CA SER B 12 -21.03 -26.21 5.19
C SER B 12 -20.32 -24.92 5.63
N GLY B 13 -20.94 -23.77 5.35
CA GLY B 13 -20.36 -22.46 5.61
C GLY B 13 -20.45 -21.56 4.40
N ILE B 14 -20.02 -20.30 4.54
CA ILE B 14 -20.02 -19.39 3.41
C ILE B 14 -18.59 -19.03 3.02
N LEU B 15 -18.28 -19.19 1.74
CA LEU B 15 -16.95 -18.90 1.22
C LEU B 15 -17.02 -17.57 0.45
N VAL B 16 -16.24 -16.59 0.90
CA VAL B 16 -16.27 -15.23 0.35
C VAL B 16 -14.96 -15.03 -0.41
N PHE B 17 -15.05 -14.81 -1.72
CA PHE B 17 -13.86 -14.76 -2.56
C PHE B 17 -13.54 -13.34 -2.99
N ASB B 18 -12.28 -12.96 -2.83
CA ASB B 18 -11.71 -11.79 -3.50
C ASB B 18 -11.74 -12.06 -4.98
O ASB B 18 -11.59 -13.19 -5.40
CB ASB B 18 -10.28 -11.82 -2.96
CG ASB B 18 -9.42 -10.73 -3.52
OD1 ASB B 18 -9.99 -9.43 -3.61
OD2 ASB B 18 -8.27 -10.94 -3.90
C2 ASB B 18 -9.31 -8.34 -4.26
C1 ASB B 18 -10.51 -7.52 -4.66
O1 ASB B 18 -10.83 -6.57 -3.91
O2 ASB B 18 -11.15 -7.88 -5.67
N VAL B 19 -11.96 -11.02 -5.80
CA VAL B 19 -12.19 -11.20 -7.24
C VAL B 19 -10.90 -10.94 -8.05
N ASN B 20 -10.43 -9.69 -8.01
CA ASN B 20 -9.19 -9.30 -8.68
C ASN B 20 -8.01 -10.09 -8.11
N GLU B 21 -7.19 -10.61 -9.02
CA GLU B 21 -5.97 -11.36 -8.69
CA GLU B 21 -5.97 -11.36 -8.65
C GLU B 21 -6.27 -12.78 -8.20
N THR B 22 -7.31 -12.95 -7.39
CA THR B 22 -7.65 -14.26 -6.82
C THR B 22 -8.42 -15.16 -7.79
N LEU B 23 -9.56 -14.69 -8.28
CA LEU B 23 -10.33 -15.43 -9.28
C LEU B 23 -9.87 -15.08 -10.69
N LEU B 24 -9.54 -13.81 -10.88
CA LEU B 24 -9.24 -13.28 -12.20
C LEU B 24 -7.76 -12.87 -12.27
N ASP B 25 -7.14 -13.17 -13.40
CA ASP B 25 -5.68 -13.13 -13.57
C ASP B 25 -5.12 -11.74 -13.88
N LEU B 26 -4.46 -11.14 -12.87
CA LEU B 26 -3.89 -9.80 -13.01
C LEU B 26 -2.79 -9.70 -14.09
N THR B 27 -2.07 -10.80 -14.30
CA THR B 27 -0.98 -10.82 -15.28
C THR B 27 -1.47 -10.54 -16.70
N SER B 28 -2.78 -10.64 -16.93
CA SER B 28 -3.38 -10.21 -18.20
C SER B 28 -3.12 -8.73 -18.52
N LEU B 29 -2.73 -7.96 -17.50
CA LEU B 29 -2.37 -6.56 -17.71
C LEU B 29 -0.94 -6.32 -18.20
N SER B 30 -0.09 -7.35 -18.14
CA SER B 30 1.33 -7.23 -18.49
CA SER B 30 1.33 -7.19 -18.48
C SER B 30 1.61 -6.54 -19.85
N PRO B 31 0.84 -6.90 -20.91
CA PRO B 31 1.14 -6.22 -22.19
C PRO B 31 0.98 -4.72 -22.20
N LEU B 32 0.02 -4.19 -21.42
CA LEU B 32 -0.11 -2.74 -21.29
C LEU B 32 1.15 -2.11 -20.68
N PHE B 33 1.72 -2.79 -19.67
CA PHE B 33 2.90 -2.28 -19.00
C PHE B 33 4.13 -2.43 -19.87
N GLU B 34 4.19 -3.55 -20.61
CA GLU B 34 5.27 -3.80 -21.55
CA GLU B 34 5.26 -3.80 -21.56
C GLU B 34 5.31 -2.68 -22.59
N ARG B 35 4.14 -2.29 -23.10
CA ARG B 35 4.07 -1.28 -24.15
C ARG B 35 4.37 0.12 -23.65
N VAL B 36 3.74 0.53 -22.55
CA VAL B 36 3.87 1.88 -21.99
C VAL B 36 5.24 2.07 -21.32
N PHE B 37 5.71 1.08 -20.59
CA PHE B 37 6.92 1.24 -19.78
C PHE B 37 8.17 0.56 -20.37
N GLY B 38 7.96 -0.29 -21.36
CA GLY B 38 9.05 -1.08 -21.94
C GLY B 38 9.42 -2.21 -21.01
N ASP B 39 8.56 -2.46 -20.01
CA ASP B 39 8.86 -3.44 -18.99
C ASP B 39 7.56 -3.89 -18.32
N ALA B 40 7.17 -5.14 -18.59
CA ALA B 40 5.98 -5.74 -17.99
C ALA B 40 6.04 -5.81 -16.47
N LYS B 41 7.25 -5.75 -15.90
CA LYS B 41 7.42 -5.88 -14.45
C LYS B 41 6.88 -4.67 -13.67
N VAL B 42 6.72 -3.54 -14.35
CA VAL B 42 6.16 -2.33 -13.73
C VAL B 42 4.74 -2.60 -13.19
N LEU B 43 4.06 -3.62 -13.71
CA LEU B 43 2.82 -4.13 -13.09
C LEU B 43 2.96 -4.37 -11.57
N ARG B 44 4.12 -4.89 -11.17
CA ARG B 44 4.40 -5.24 -9.77
C ARG B 44 4.79 -4.03 -8.91
N GLU B 45 4.96 -2.89 -9.57
CA GLU B 45 5.13 -1.61 -8.90
C GLU B 45 3.76 -0.92 -8.75
N TRP B 46 3.03 -0.86 -9.87
CA TRP B 46 1.74 -0.18 -9.93
C TRP B 46 0.71 -0.83 -9.02
N PHE B 47 0.65 -2.17 -8.98
CA PHE B 47 -0.42 -2.82 -8.21
C PHE B 47 -0.34 -2.56 -6.69
N PRO B 48 0.83 -2.74 -6.06
CA PRO B 48 0.87 -2.36 -4.64
C PRO B 48 0.66 -0.85 -4.36
N GLU B 49 1.11 0.02 -5.27
CA GLU B 49 0.77 1.44 -5.13
C GLU B 49 -0.74 1.71 -5.15
N LEU B 50 -1.49 0.99 -6.01
CA LEU B 50 -2.95 1.15 -6.04
C LEU B 50 -3.53 0.68 -4.69
N ILE B 51 -3.05 -0.44 -4.19
CA ILE B 51 -3.62 -0.99 -2.95
C ILE B 51 -3.28 -0.04 -1.79
N LEU B 52 -2.01 0.39 -1.74
CA LEU B 52 -1.52 1.38 -0.76
C LEU B 52 -2.44 2.64 -0.73
N TYR B 53 -2.67 3.25 -1.89
CA TYR B 53 -3.49 4.47 -1.93
C TYR B 53 -4.94 4.23 -1.54
N SER B 54 -5.48 3.06 -1.91
CA SER B 54 -6.84 2.73 -1.49
C SER B 54 -6.92 2.71 0.05
N GLN B 55 -5.90 2.11 0.69
CA GLN B 55 -5.85 2.04 2.17
C GLN B 55 -5.59 3.40 2.84
N THR B 56 -4.80 4.22 2.15
CA THR B 56 -4.54 5.60 2.56
C THR B 56 -5.83 6.47 2.58
N LEU B 57 -6.64 6.40 1.52
CA LEU B 57 -7.90 7.16 1.43
C LEU B 57 -8.77 6.72 2.60
N THR B 58 -8.77 5.40 2.81
CA THR B 58 -9.59 4.81 3.87
C THR B 58 -9.17 5.34 5.24
N LEU B 59 -7.87 5.31 5.51
CA LEU B 59 -7.33 5.82 6.76
C LEU B 59 -7.54 7.33 6.97
N THR B 60 -7.64 8.08 5.87
CA THR B 60 -7.78 9.53 5.98
C THR B 60 -9.23 10.00 5.83
N GLY B 61 -10.16 9.06 5.71
CA GLY B 61 -11.60 9.36 5.62
C GLY B 61 -12.08 9.81 4.25
N LEU B 62 -11.36 9.44 3.18
CA LEU B 62 -11.75 9.78 1.82
C LEU B 62 -12.20 8.52 1.06
N TYR B 63 -13.12 8.68 0.13
CA TYR B 63 -13.53 7.57 -0.74
C TYR B 63 -13.65 8.03 -2.19
N ARG B 64 -12.94 7.34 -3.08
CA ARG B 64 -13.17 7.43 -4.52
C ARG B 64 -13.28 6.00 -5.03
N PRO B 65 -14.07 5.75 -6.10
CA PRO B 65 -14.14 4.39 -6.65
C PRO B 65 -12.74 3.85 -7.02
N PHE B 66 -12.55 2.56 -6.78
CA PHE B 66 -11.27 1.87 -7.04
C PHE B 66 -10.67 2.15 -8.42
N GLY B 67 -11.49 2.10 -9.47
CA GLY B 67 -10.99 2.34 -10.82
C GLY B 67 -10.43 3.73 -11.07
N GLU B 68 -11.00 4.72 -10.40
CA GLU B 68 -10.49 6.09 -10.42
C GLU B 68 -9.11 6.16 -9.78
N ILE B 69 -8.94 5.49 -8.63
CA ILE B 69 -7.64 5.37 -8.00
C ILE B 69 -6.65 4.63 -8.92
N ALA B 70 -7.10 3.55 -9.55
CA ALA B 70 -6.26 2.78 -10.49
C ALA B 70 -5.69 3.67 -11.59
N ALA B 71 -6.55 4.51 -12.15
CA ALA B 71 -6.14 5.40 -13.25
C ALA B 71 -5.14 6.43 -12.75
N ALA B 72 -5.44 7.05 -11.62
CA ALA B 72 -4.53 8.05 -11.05
C ALA B 72 -3.16 7.46 -10.69
N VAL B 73 -3.16 6.25 -10.14
CA VAL B 73 -1.90 5.61 -9.76
C VAL B 73 -1.09 5.22 -11.02
N PHE B 74 -1.79 4.81 -12.08
CA PHE B 74 -1.14 4.52 -13.37
C PHE B 74 -0.43 5.79 -13.90
N GLU B 75 -1.12 6.92 -13.81
CA GLU B 75 -0.56 8.18 -14.28
CA GLU B 75 -0.58 8.22 -14.25
C GLU B 75 0.64 8.60 -13.43
N MET B 76 0.57 8.39 -12.13
CA MET B 76 1.68 8.67 -11.22
C MET B 76 2.90 7.77 -11.50
N VAL B 77 2.67 6.46 -11.66
CA VAL B 77 3.75 5.51 -11.95
C VAL B 77 4.41 5.83 -13.31
N ALA B 78 3.59 6.19 -14.29
CA ALA B 78 4.08 6.67 -15.59
C ALA B 78 5.01 7.88 -15.41
N ALA B 79 4.54 8.86 -14.63
CA ALA B 79 5.34 10.05 -14.33
C ALA B 79 6.65 9.69 -13.64
N ASN B 80 6.60 8.73 -12.73
CA ASN B 80 7.78 8.27 -11.98
C ASN B 80 8.82 7.63 -12.89
N HIS B 81 8.35 7.05 -14.00
CA HIS B 81 9.22 6.42 -15.02
C HIS B 81 9.46 7.35 -16.23
N GLN B 82 8.85 8.53 -16.20
CA GLN B 82 8.84 9.49 -17.32
C GLN B 82 8.31 8.88 -18.62
N ALA B 83 7.35 7.98 -18.50
CA ALA B 83 6.75 7.34 -19.65
C ALA B 83 5.46 8.04 -20.06
N LYS B 84 5.32 8.27 -21.36
CA LYS B 84 4.16 8.96 -21.95
C LYS B 84 2.88 8.13 -21.83
N VAL B 85 1.81 8.79 -21.37
CA VAL B 85 0.49 8.16 -21.24
CA VAL B 85 0.48 8.16 -21.27
C VAL B 85 -0.60 9.01 -21.90
N THR B 86 -1.44 8.38 -22.71
CA THR B 86 -2.51 9.04 -23.43
C THR B 86 -3.88 8.64 -22.88
N PRO B 87 -4.94 9.40 -23.24
CA PRO B 87 -6.31 9.00 -22.91
C PRO B 87 -6.63 7.58 -23.41
N ASP B 88 -6.06 7.19 -24.55
CA ASP B 88 -6.28 5.86 -25.07
CA ASP B 88 -6.22 5.86 -25.11
C ASP B 88 -5.66 4.80 -24.17
N ASP B 89 -4.50 5.09 -23.57
CA ASP B 89 -3.86 4.17 -22.62
C ASP B 89 -4.74 3.95 -21.38
N ILE B 90 -5.31 5.04 -20.86
CA ILE B 90 -6.21 4.99 -19.71
C ILE B 90 -7.48 4.20 -20.02
N ALA B 91 -7.99 4.33 -21.24
CA ALA B 91 -9.12 3.53 -21.70
C ALA B 91 -8.79 2.03 -21.74
N GLU B 92 -7.57 1.74 -22.21
CA GLU B 92 -7.08 0.37 -22.32
C GLU B 92 -6.93 -0.22 -20.92
N LEU B 93 -6.41 0.59 -19.99
CA LEU B 93 -6.30 0.15 -18.61
C LEU B 93 -7.67 -0.27 -18.08
N LYS B 94 -8.67 0.55 -18.34
CA LYS B 94 -10.05 0.25 -17.93
CA LYS B 94 -10.03 0.24 -17.90
C LYS B 94 -10.56 -1.04 -18.56
N THR B 95 -10.30 -1.21 -19.85
CA THR B 95 -10.74 -2.42 -20.57
C THR B 95 -10.15 -3.69 -19.94
N ARG B 96 -8.83 -3.67 -19.76
CA ARG B 96 -8.13 -4.81 -19.19
C ARG B 96 -8.53 -5.08 -17.74
N LEU B 97 -8.57 -4.03 -16.90
CA LEU B 97 -8.86 -4.18 -15.48
CA LEU B 97 -8.88 -4.15 -15.48
C LEU B 97 -10.26 -4.73 -15.23
N THR B 98 -11.21 -4.38 -16.11
CA THR B 98 -12.59 -4.84 -15.95
C THR B 98 -12.88 -6.13 -16.74
N SER B 99 -11.86 -6.72 -17.35
CA SER B 99 -12.06 -7.92 -18.17
CA SER B 99 -12.06 -7.94 -18.15
C SER B 99 -10.97 -8.99 -17.96
N MET B 100 -10.35 -9.02 -16.79
CA MET B 100 -9.35 -10.04 -16.49
CA MET B 100 -9.34 -10.04 -16.51
C MET B 100 -9.99 -11.42 -16.60
N PRO B 101 -9.34 -12.34 -17.35
CA PRO B 101 -9.90 -13.69 -17.50
C PRO B 101 -9.78 -14.48 -16.20
N ALA B 102 -10.71 -15.42 -16.00
CA ALA B 102 -10.62 -16.36 -14.88
C ALA B 102 -9.43 -17.30 -15.02
N TYR B 103 -8.72 -17.52 -13.93
CA TYR B 103 -7.75 -18.62 -13.89
C TYR B 103 -8.48 -19.93 -14.23
N PRO B 104 -7.84 -20.82 -15.00
CA PRO B 104 -8.53 -22.02 -15.46
C PRO B 104 -8.81 -23.05 -14.36
N ASP B 105 -8.20 -22.90 -13.18
CA ASP B 105 -8.48 -23.77 -12.02
C ASP B 105 -9.75 -23.35 -11.25
N VAL B 106 -10.32 -22.19 -11.60
CA VAL B 106 -11.41 -21.61 -10.83
C VAL B 106 -12.74 -22.34 -11.00
N ALA B 107 -13.26 -22.40 -12.24
CA ALA B 107 -14.60 -22.96 -12.45
C ALA B 107 -14.71 -24.41 -11.92
N PRO B 108 -13.69 -25.26 -12.19
CA PRO B 108 -13.62 -26.62 -11.64
C PRO B 108 -13.72 -26.63 -10.12
N ALA B 109 -12.89 -25.82 -9.45
CA ALA B 109 -12.87 -25.74 -7.98
C ALA B 109 -14.20 -25.26 -7.40
N LEU B 110 -14.79 -24.22 -7.99
CA LEU B 110 -16.07 -23.70 -7.53
C LEU B 110 -17.18 -24.72 -7.72
N THR B 111 -17.12 -25.47 -8.83
CA THR B 111 -18.09 -26.56 -9.05
C THR B 111 -18.05 -27.57 -7.88
N ARG B 112 -16.86 -28.01 -7.50
CA ARG B 112 -16.75 -28.99 -6.40
C ARG B 112 -17.13 -28.42 -5.03
N LEU B 113 -16.81 -27.16 -4.79
CA LEU B 113 -17.19 -26.51 -3.54
C LEU B 113 -18.71 -26.42 -3.45
N GLN B 114 -19.34 -26.06 -4.57
CA GLN B 114 -20.79 -26.07 -4.68
C GLN B 114 -21.34 -27.47 -4.42
N ASP B 115 -20.72 -28.50 -5.02
CA ASP B 115 -21.11 -29.91 -4.79
C ASP B 115 -21.02 -30.30 -3.32
N ALA B 116 -20.04 -29.75 -2.62
CA ALA B 116 -19.85 -30.04 -1.20
C ALA B 116 -20.76 -29.24 -0.26
N GLY B 117 -21.64 -28.41 -0.81
CA GLY B 117 -22.62 -27.67 -0.02
C GLY B 117 -22.25 -26.27 0.43
N PHE B 118 -21.05 -25.79 0.07
CA PHE B 118 -20.62 -24.45 0.45
C PHE B 118 -21.43 -23.41 -0.33
N ARG B 119 -21.80 -22.35 0.37
CA ARG B 119 -22.38 -21.18 -0.28
C ARG B 119 -21.21 -20.30 -0.73
N LEU B 120 -21.37 -19.71 -1.92
CA LEU B 120 -20.26 -18.97 -2.55
C LEU B 120 -20.67 -17.53 -2.83
N VAL B 121 -19.85 -16.59 -2.38
CA VAL B 121 -20.11 -15.14 -2.49
CA VAL B 121 -20.11 -15.16 -2.62
C VAL B 121 -18.82 -14.45 -2.98
N THR B 122 -18.94 -13.32 -3.68
CA THR B 122 -17.74 -12.54 -3.96
C THR B 122 -17.74 -11.25 -3.14
N LEU B 123 -16.53 -10.80 -2.78
CA LEU B 123 -16.32 -9.50 -2.15
C LEU B 123 -15.11 -8.76 -2.77
N THR B 124 -15.35 -7.58 -3.34
CA THR B 124 -14.31 -6.87 -4.07
C THR B 124 -14.16 -5.39 -3.69
N ASN B 125 -12.93 -4.86 -3.84
CA ASN B 125 -12.63 -3.42 -3.77
C ASN B 125 -13.26 -2.68 -4.95
N SER B 126 -13.50 -3.39 -6.05
CA SER B 126 -14.05 -2.75 -7.24
C SER B 126 -15.49 -2.26 -7.04
N ALA B 127 -15.81 -1.12 -7.65
CA ALA B 127 -17.15 -0.54 -7.50
C ALA B 127 -18.21 -1.38 -8.24
N PRO B 128 -19.47 -1.37 -7.76
CA PRO B 128 -20.53 -2.06 -8.54
C PRO B 128 -20.48 -1.61 -10.00
N SER B 129 -20.54 -2.56 -10.92
CA SER B 129 -20.35 -2.31 -12.34
CA SER B 129 -20.36 -2.28 -12.34
C SER B 129 -21.65 -2.49 -13.14
N PRO B 130 -21.82 -1.72 -14.24
CA PRO B 130 -22.98 -2.06 -15.10
C PRO B 130 -22.76 -3.44 -15.71
N ALA B 131 -23.82 -4.11 -16.14
CA ALA B 131 -23.69 -5.39 -16.83
C ALA B 131 -23.05 -5.21 -18.21
N PRO B 132 -22.16 -6.14 -18.62
CA PRO B 132 -21.65 -7.30 -17.90
C PRO B 132 -20.47 -6.94 -16.98
N SER B 133 -20.43 -7.57 -15.82
CA SER B 133 -19.36 -7.37 -14.86
C SER B 133 -18.12 -8.17 -15.29
N PRO B 134 -16.96 -7.90 -14.65
CA PRO B 134 -15.77 -8.74 -14.85
C PRO B 134 -16.04 -10.24 -14.71
N LEU B 135 -16.78 -10.63 -13.68
CA LEU B 135 -17.11 -12.04 -13.47
C LEU B 135 -18.03 -12.59 -14.56
N GLU B 136 -18.99 -11.78 -15.02
CA GLU B 136 -19.87 -12.20 -16.12
C GLU B 136 -19.06 -12.42 -17.41
N LYS B 137 -18.22 -11.44 -17.75
CA LYS B 137 -17.31 -11.56 -18.89
C LYS B 137 -16.43 -12.79 -18.81
N ALA B 138 -16.00 -13.13 -17.59
CA ALA B 138 -15.10 -14.26 -17.40
C ALA B 138 -15.87 -15.59 -17.37
N GLY B 139 -17.20 -15.49 -17.31
CA GLY B 139 -18.07 -16.67 -17.37
C GLY B 139 -18.25 -17.40 -16.04
N ILE B 140 -17.93 -16.74 -14.93
CA ILE B 140 -18.01 -17.43 -13.64
C ILE B 140 -18.96 -16.78 -12.62
N ALA B 141 -19.69 -15.74 -13.04
CA ALA B 141 -20.56 -14.99 -12.12
C ALA B 141 -21.66 -15.85 -11.49
N SER B 142 -22.23 -16.75 -12.28
CA SER B 142 -23.40 -17.49 -11.83
C SER B 142 -23.08 -18.57 -10.79
N PHE B 143 -21.80 -18.78 -10.48
CA PHE B 143 -21.43 -19.67 -9.37
C PHE B 143 -21.80 -19.09 -8.02
N PHE B 144 -22.01 -17.78 -7.97
CA PHE B 144 -22.10 -17.06 -6.70
C PHE B 144 -23.50 -16.60 -6.41
N GLU B 145 -23.96 -16.76 -5.16
CA GLU B 145 -25.30 -16.32 -4.79
C GLU B 145 -25.40 -14.80 -4.54
N ALA B 146 -24.26 -14.14 -4.31
CA ALA B 146 -24.22 -12.69 -4.13
C ALA B 146 -22.88 -12.15 -4.60
N HIS B 147 -22.89 -10.92 -5.11
CA HIS B 147 -21.65 -10.23 -5.50
C HIS B 147 -21.58 -8.90 -4.74
N LEU B 148 -20.73 -8.85 -3.73
CA LEU B 148 -20.68 -7.71 -2.83
C LEU B 148 -19.46 -6.88 -3.10
N THR B 149 -19.52 -5.59 -2.76
CA THR B 149 -18.39 -4.72 -3.00
C THR B 149 -18.23 -3.82 -1.79
N VAL B 150 -17.20 -2.98 -1.81
CA VAL B 150 -16.99 -2.05 -0.73
C VAL B 150 -17.89 -0.80 -0.78
N HIS B 151 -18.71 -0.68 -1.83
CA HIS B 151 -19.60 0.49 -2.00
C HIS B 151 -20.38 0.87 -0.74
N SER B 152 -21.05 -0.10 -0.14
CA SER B 152 -21.94 0.18 1.00
C SER B 152 -21.16 0.61 2.24
N SER B 153 -19.87 0.29 2.27
CA SER B 153 -19.00 0.67 3.39
CA SER B 153 -19.05 0.69 3.42
C SER B 153 -18.27 1.98 3.14
N GLN B 154 -18.12 2.33 1.86
CA GLN B 154 -17.38 3.53 1.42
C GLN B 154 -15.97 3.58 2.00
N ARG B 155 -15.37 2.38 2.12
CA ARG B 155 -14.02 2.17 2.74
C ARG B 155 -13.45 0.93 2.10
N PHE B 156 -12.13 0.86 1.94
CA PHE B 156 -11.53 -0.27 1.26
C PHE B 156 -11.04 -1.35 2.23
N LYS B 157 -10.92 -2.59 1.76
CA LYS B 157 -10.16 -3.62 2.51
C LYS B 157 -8.78 -3.11 2.91
N PRO B 158 -8.27 -3.51 4.08
CA PRO B 158 -8.89 -4.42 5.05
C PRO B 158 -9.63 -3.71 6.19
N HIS B 159 -10.25 -2.55 5.90
CA HIS B 159 -11.04 -1.86 6.96
C HIS B 159 -12.11 -2.79 7.54
N PRO B 160 -12.24 -2.79 8.87
CA PRO B 160 -13.23 -3.64 9.53
C PRO B 160 -14.67 -3.45 9.04
N SER B 161 -15.06 -2.24 8.64
CA SER B 161 -16.46 -2.02 8.20
C SER B 161 -16.82 -2.90 7.00
N VAL B 162 -15.84 -3.19 6.14
CA VAL B 162 -16.09 -3.96 4.92
C VAL B 162 -16.54 -5.38 5.26
N TYR B 163 -15.84 -6.02 6.18
CA TYR B 163 -16.16 -7.39 6.52
C TYR B 163 -17.43 -7.46 7.38
N ASP B 164 -17.54 -6.56 8.34
CA ASP B 164 -18.75 -6.51 9.19
C ASP B 164 -20.02 -6.26 8.38
N SER B 165 -19.98 -5.31 7.44
CA SER B 165 -21.15 -5.02 6.63
CA SER B 165 -21.12 -5.00 6.58
C SER B 165 -21.49 -6.22 5.75
N THR B 166 -20.46 -6.92 5.26
CA THR B 166 -20.63 -8.12 4.46
C THR B 166 -21.33 -9.20 5.26
N ALA B 167 -20.87 -9.39 6.49
CA ALA B 167 -21.40 -10.42 7.37
C ALA B 167 -22.86 -10.09 7.67
N GLU B 168 -23.10 -8.81 7.92
CA GLU B 168 -24.46 -8.29 8.17
C GLU B 168 -25.41 -8.53 7.00
N THR B 169 -24.99 -8.11 5.80
CA THR B 169 -25.75 -8.35 4.56
C THR B 169 -26.09 -9.84 4.36
N LEU B 170 -25.14 -10.72 4.68
CA LEU B 170 -25.34 -12.16 4.49
C LEU B 170 -26.08 -12.82 5.63
N GLY B 171 -26.49 -12.02 6.62
CA GLY B 171 -27.11 -12.54 7.83
C GLY B 171 -26.29 -13.64 8.50
N ALA B 172 -24.97 -13.48 8.48
CA ALA B 172 -24.08 -14.53 8.96
C ALA B 172 -23.19 -14.07 10.12
N LYS B 173 -22.87 -15.03 10.99
CA LYS B 173 -21.91 -14.79 12.07
CA LYS B 173 -21.90 -14.83 12.08
C LYS B 173 -20.50 -14.95 11.50
N PRO B 174 -19.53 -14.17 12.03
CA PRO B 174 -18.12 -14.30 11.59
C PRO B 174 -17.63 -15.75 11.50
N GLU B 175 -18.08 -16.58 12.44
CA GLU B 175 -17.71 -18.00 12.50
CA GLU B 175 -17.75 -18.01 12.52
C GLU B 175 -18.16 -18.80 11.27
N GLU B 176 -19.22 -18.34 10.60
CA GLU B 176 -19.72 -19.03 9.41
C GLU B 176 -18.97 -18.63 8.12
N LEU B 177 -18.08 -17.64 8.23
CA LEU B 177 -17.45 -17.07 7.03
C LEU B 177 -15.99 -17.45 6.91
N CYS B 178 -15.56 -17.66 5.66
CA CYS B 178 -14.15 -17.82 5.32
C CYS B 178 -13.79 -16.92 4.13
N MET B 179 -12.83 -16.02 4.33
CA MET B 179 -12.34 -15.15 3.25
C MET B 179 -11.25 -15.86 2.45
N ILE B 180 -11.41 -15.90 1.14
CA ILE B 180 -10.45 -16.58 0.25
C ILE B 180 -9.75 -15.56 -0.65
N ALA B 181 -8.42 -15.55 -0.61
CA ALA B 181 -7.64 -14.56 -1.36
C ALA B 181 -6.21 -15.00 -1.61
N CYS B 182 -5.58 -14.42 -2.63
CA CYS B 182 -4.14 -14.57 -2.81
C CYS B 182 -3.38 -13.41 -2.20
N ASN B 183 -4.13 -12.49 -1.60
CA ASN B 183 -3.56 -11.34 -0.88
C ASN B 183 -3.68 -11.56 0.63
N ILE B 184 -2.54 -11.71 1.31
CA ILE B 184 -2.50 -11.88 2.77
C ILE B 184 -3.17 -10.69 3.51
N TRP B 185 -3.04 -9.48 2.99
CA TRP B 185 -3.74 -8.34 3.58
C TRP B 185 -5.27 -8.50 3.64
N ASP B 186 -5.85 -9.22 2.68
CA ASP B 186 -7.29 -9.43 2.65
C ASP B 186 -7.72 -10.49 3.67
N THR B 187 -6.97 -11.58 3.76
CA THR B 187 -7.27 -12.63 4.76
C THR B 187 -7.09 -12.13 6.19
N ILE B 188 -6.02 -11.37 6.45
CA ILE B 188 -5.78 -10.77 7.76
C ILE B 188 -6.96 -9.87 8.15
N GLY B 189 -7.42 -9.05 7.21
CA GLY B 189 -8.58 -8.19 7.47
C GLY B 189 -9.79 -8.96 7.95
N ALA B 190 -10.11 -10.05 7.26
CA ALA B 190 -11.27 -10.85 7.63
C ALA B 190 -11.06 -11.60 8.95
N GLN B 191 -9.87 -12.19 9.09
CA GLN B 191 -9.53 -12.94 10.32
C GLN B 191 -9.51 -12.03 11.55
N ALA B 192 -9.11 -10.78 11.37
CA ALA B 192 -9.21 -9.83 12.48
C ALA B 192 -10.65 -9.63 12.96
N ARG B 193 -11.64 -9.94 12.10
CA ARG B 193 -13.05 -9.80 12.45
C ARG B 193 -13.69 -11.12 12.87
N GLY B 194 -12.84 -12.13 13.06
CA GLY B 194 -13.30 -13.45 13.51
C GLY B 194 -13.75 -14.40 12.42
N TRP B 195 -13.55 -14.04 11.14
CA TRP B 195 -13.76 -14.99 10.03
C TRP B 195 -12.58 -15.96 9.95
N ARG B 196 -12.75 -17.07 9.24
CA ARG B 196 -11.60 -17.88 8.82
C ARG B 196 -10.99 -17.25 7.56
N GLY B 197 -9.74 -17.63 7.27
CA GLY B 197 -9.05 -17.21 6.06
C GLY B 197 -8.50 -18.39 5.27
N GLY B 198 -8.63 -18.30 3.95
CA GLY B 198 -8.09 -19.30 3.03
C GLY B 198 -7.19 -18.60 2.04
N PHE B 199 -5.92 -18.98 2.02
CA PHE B 199 -4.95 -18.40 1.08
C PHE B 199 -4.72 -19.31 -0.13
N VAL B 200 -4.82 -18.73 -1.32
CA VAL B 200 -4.48 -19.42 -2.56
C VAL B 200 -3.25 -18.76 -3.16
N ALA B 201 -2.19 -19.54 -3.35
N ALA B 201 -2.19 -19.56 -3.30
CA ALA B 201 -0.88 -18.99 -3.75
CA ALA B 201 -0.99 -19.16 -4.00
C ALA B 201 -0.65 -18.84 -5.28
C ALA B 201 -1.30 -18.84 -5.47
N ARG B 202 -1.30 -17.86 -5.89
N ARG B 202 -1.06 -17.60 -5.87
CA ARG B 202 -1.12 -17.56 -7.31
CA ARG B 202 -1.07 -17.25 -7.26
C ARG B 202 0.34 -17.21 -7.64
C ARG B 202 0.38 -17.03 -7.64
N PRO B 203 0.71 -17.15 -8.94
CA PRO B 203 2.09 -16.78 -9.31
C PRO B 203 2.44 -15.36 -8.82
N HIS B 204 3.63 -15.24 -8.25
CA HIS B 204 4.10 -13.97 -7.67
C HIS B 204 3.35 -13.54 -6.41
N ASN B 205 2.65 -14.49 -5.78
CA ASN B 205 1.94 -14.24 -4.52
C ASN B 205 2.24 -15.38 -3.56
N THR B 206 3.07 -15.07 -2.57
CA THR B 206 3.37 -16.02 -1.49
CA THR B 206 3.39 -16.00 -1.49
C THR B 206 2.90 -15.38 -0.19
N PRO B 207 2.65 -16.19 0.86
CA PRO B 207 2.10 -15.48 2.01
C PRO B 207 3.15 -14.68 2.78
N LEU B 208 2.75 -13.52 3.28
CA LEU B 208 3.62 -12.79 4.18
C LEU B 208 3.61 -13.51 5.52
N THR B 209 4.77 -13.64 6.16
CA THR B 209 4.87 -14.22 7.49
CA THR B 209 4.85 -14.20 7.50
C THR B 209 5.47 -13.18 8.44
N LEU B 210 4.78 -12.90 9.53
CA LEU B 210 5.22 -11.90 10.47
C LEU B 210 4.63 -12.27 11.81
N ALA B 211 5.41 -12.09 12.88
CA ALA B 211 4.94 -12.41 14.23
C ALA B 211 3.71 -11.58 14.60
N GLU B 212 2.82 -12.20 15.37
CA GLU B 212 1.58 -11.56 15.87
C GLU B 212 0.49 -11.43 14.81
N VAL B 213 0.84 -11.72 13.56
CA VAL B 213 -0.09 -11.65 12.45
C VAL B 213 -0.67 -13.05 12.24
N PRO B 214 -2.00 -13.19 12.33
CA PRO B 214 -2.63 -14.50 12.15
C PRO B 214 -2.32 -15.11 10.79
N GLN B 215 -1.91 -16.38 10.78
CA GLN B 215 -1.70 -17.07 9.52
CA GLN B 215 -1.68 -17.20 9.58
C GLN B 215 -3.02 -17.64 8.99
N PRO B 216 -3.10 -17.87 7.67
CA PRO B 216 -4.38 -18.41 7.14
C PRO B 216 -4.74 -19.74 7.78
N ASP B 217 -6.04 -20.02 7.83
CA ASP B 217 -6.52 -21.29 8.36
C ASP B 217 -6.30 -22.39 7.33
N PHE B 218 -6.47 -22.02 6.06
CA PHE B 218 -6.27 -22.95 4.96
C PHE B 218 -5.33 -22.32 3.94
N ILE B 219 -4.52 -23.16 3.29
CA ILE B 219 -3.58 -22.71 2.25
C ILE B 219 -3.46 -23.74 1.12
N GLY B 220 -3.52 -23.27 -0.12
CA GLY B 220 -3.38 -24.13 -1.29
C GLY B 220 -2.51 -23.49 -2.33
N ARG B 221 -1.81 -24.31 -3.11
CA ARG B 221 -0.94 -23.79 -4.17
C ARG B 221 -1.74 -23.31 -5.38
N ASP B 222 -2.99 -23.78 -5.47
CA ASP B 222 -3.95 -23.32 -6.48
C ASP B 222 -5.36 -23.51 -5.94
N MET B 223 -6.38 -23.09 -6.68
CA MET B 223 -7.76 -23.16 -6.16
C MET B 223 -8.26 -24.59 -5.98
N GLY B 224 -7.78 -25.49 -6.84
CA GLY B 224 -8.12 -26.90 -6.72
C GLY B 224 -7.65 -27.45 -5.40
N GLU B 225 -6.36 -27.21 -5.08
CA GLU B 225 -5.78 -27.67 -3.83
C GLU B 225 -6.45 -27.05 -2.62
N LEU B 226 -6.79 -25.76 -2.71
CA LEU B 226 -7.50 -25.12 -1.62
C LEU B 226 -8.88 -25.71 -1.44
N ALA B 227 -9.62 -25.86 -2.55
CA ALA B 227 -10.95 -26.48 -2.52
C ALA B 227 -10.88 -27.86 -1.86
N ASP B 228 -9.84 -28.61 -2.21
CA ASP B 228 -9.59 -29.93 -1.61
C ASP B 228 -9.58 -29.88 -0.07
N GLN B 229 -8.73 -29.03 0.51
CA GLN B 229 -8.68 -29.01 1.97
CA GLN B 229 -8.62 -28.86 1.97
C GLN B 229 -9.89 -28.37 2.63
N LEU B 230 -10.61 -27.49 1.93
CA LEU B 230 -11.85 -26.95 2.47
C LEU B 230 -12.91 -28.05 2.56
N ILE B 231 -13.00 -28.86 1.50
CA ILE B 231 -13.93 -30.00 1.46
C ILE B 231 -13.46 -31.07 2.47
N ALA B 232 -12.15 -31.34 2.48
CA ALA B 232 -11.57 -32.31 3.43
C ALA B 232 -11.84 -31.95 4.89
N SER B 233 -11.82 -30.65 5.22
CA SER B 233 -12.07 -30.17 6.58
C SER B 233 -13.46 -30.54 7.10
N LEU B 234 -14.36 -30.88 6.18
CA LEU B 234 -15.70 -31.31 6.54
C LEU B 234 -15.72 -32.73 7.12
N THR B 235 -14.80 -33.59 6.66
CA THR B 235 -14.71 -34.98 7.13
C THR B 235 -13.69 -35.21 8.27
N ALA B 236 -12.81 -34.25 8.52
CA ALA B 236 -11.75 -34.39 9.52
C ALA B 236 -12.29 -34.45 10.94
C1 PEG C . -12.89 0.39 -13.38
O1 PEG C . -13.83 1.19 -14.12
C2 PEG C . -11.48 0.41 -13.99
O2 PEG C . -10.95 1.73 -13.86
C3 PEG C . -9.72 1.99 -14.52
C4 PEG C . -9.90 3.32 -15.25
O4 PEG C . -8.84 3.60 -16.19
#